data_9IIF
#
_entry.id   9IIF
#
_cell.length_a   86.561
_cell.length_b   86.561
_cell.length_c   144.824
_cell.angle_alpha   90.000
_cell.angle_beta   90.000
_cell.angle_gamma   90.000
#
_symmetry.space_group_name_H-M   'P 41 21 2'
#
loop_
_entity.id
_entity.type
_entity.pdbx_description
1 polymer 'Hypoxia-inducible factor 1-alpha inhibitor'
2 non-polymer 'SULFATE ION'
3 non-polymer '2-[[1-(cyclopropylmethoxy)-2-oxidanyl-4-oxidanylidene-quinolin-3-yl]carbonylamino]ethanoic acid'
4 non-polymer 'ZINC ION'
5 water water
#
_entity_poly.entity_id   1
_entity_poly.type   'polypeptide(L)'
_entity_poly.pdbx_seq_one_letter_code
;MAATAAEAVASGSGEPREEAGALGPAWDESQLRSYSFPTRPIPRLSQSDPRAEELIENEEPVVLTDTNLVYPALKWDLEY
LQENIGNGDFSVYSASTHKFLYYDEKKMANFQNFKPRSNREEMKFHEFVEKLQDIQQRGGEERLYLQQTLNDTVGRKIVM
DFLGFNWNWINKQQGKRGWGQLTSNLLLIGMEGNVTPAHYDEQQNFFAQIKGYKRCILFPPDQFECLYPYPVHHPCDRQS
QVDFDNPDYERFPNFQNVVGYETVVGPGDVLYIPMYWWHHIESLLNGGITITVNFWYKGAPTPKRIEYPLKAHQKVAIMR
NIEKMLGEALGNPQEVGPLLNTMIKGRYN
;
_entity_poly.pdbx_strand_id   A
#
loop_
_chem_comp.id
_chem_comp.type
_chem_comp.name
_chem_comp.formula
A1L2L non-polymer '2-[[1-(cyclopropylmethoxy)-2-oxidanyl-4-oxidanylidene-quinolin-3-yl]carbonylamino]ethanoic acid' 'C16 H16 N2 O6'
SO4 non-polymer 'SULFATE ION' 'O4 S -2'
ZN non-polymer 'ZINC ION' 'Zn 2'
#
# COMPACT_ATOMS: atom_id res chain seq x y z
N SER A 11 13.66 3.50 16.77
CA SER A 11 13.01 4.70 16.27
C SER A 11 13.27 4.88 14.77
N GLY A 12 12.34 4.39 13.96
CA GLY A 12 12.46 4.49 12.52
C GLY A 12 11.97 5.80 11.95
N SER A 13 10.80 6.28 12.39
CA SER A 13 10.29 7.56 11.90
C SER A 13 11.07 8.74 12.43
N GLY A 14 11.92 8.53 13.44
CA GLY A 14 12.66 9.63 14.04
C GLY A 14 11.80 10.39 15.05
N GLU A 15 12.28 11.57 15.41
CA GLU A 15 11.49 12.45 16.25
C GLU A 15 10.30 12.99 15.46
N PRO A 16 9.10 13.02 16.05
CA PRO A 16 7.94 13.53 15.31
C PRO A 16 8.12 14.99 14.89
N ARG A 17 7.81 15.25 13.62
CA ARG A 17 8.00 16.59 13.07
C ARG A 17 7.08 17.60 13.74
N GLU A 18 7.58 18.83 13.89
CA GLU A 18 6.81 19.94 14.41
C GLU A 18 6.14 20.69 13.27
N GLU A 19 4.91 21.15 13.51
CA GLU A 19 4.14 21.86 12.50
C GLU A 19 4.32 23.36 12.63
N ALA A 20 4.05 24.06 11.53
CA ALA A 20 4.18 25.51 11.50
C ALA A 20 3.20 26.16 12.48
N GLY A 21 3.51 27.39 12.87
CA GLY A 21 2.71 28.09 13.85
C GLY A 21 2.92 27.64 15.28
N ALA A 22 4.02 26.92 15.55
CA ALA A 22 4.35 26.44 16.89
C ALA A 22 3.21 25.61 17.50
N LEU A 23 2.57 24.80 16.67
CA LEU A 23 1.50 23.92 17.11
C LEU A 23 2.01 22.59 17.65
N GLY A 24 3.32 22.40 17.67
CA GLY A 24 3.93 21.30 18.36
C GLY A 24 3.77 19.96 17.67
N PRO A 25 3.69 18.89 18.47
CA PRO A 25 3.78 17.53 17.91
C PRO A 25 2.57 17.19 17.06
N ALA A 26 2.82 16.94 15.77
CA ALA A 26 1.77 16.42 14.91
C ALA A 26 1.28 15.06 15.39
N TRP A 27 2.21 14.19 15.80
CA TRP A 27 1.90 12.91 16.39
C TRP A 27 2.95 12.60 17.46
N ASP A 28 2.68 11.57 18.27
CA ASP A 28 3.68 11.08 19.20
C ASP A 28 3.78 9.57 19.06
N GLU A 29 4.85 9.01 19.66
CA GLU A 29 5.18 7.61 19.41
C GLU A 29 4.12 6.65 19.92
N SER A 30 3.33 7.05 20.92
CA SER A 30 2.26 6.19 21.43
C SER A 30 1.13 5.97 20.42
N GLN A 31 1.11 6.69 19.30
CA GLN A 31 0.13 6.44 18.26
C GLN A 31 0.60 5.37 17.29
N LEU A 32 1.83 4.90 17.42
CA LEU A 32 2.38 3.83 16.58
C LEU A 32 2.16 2.48 17.24
N ARG A 33 1.97 1.46 16.42
CA ARG A 33 1.84 0.10 16.90
C ARG A 33 3.22 -0.50 17.16
N SER A 34 3.28 -1.41 18.13
CA SER A 34 4.54 -2.04 18.51
C SER A 34 4.75 -3.32 17.72
N TYR A 35 5.92 -3.44 17.09
CA TYR A 35 6.30 -4.62 16.33
C TYR A 35 7.67 -5.10 16.77
N SER A 36 8.07 -6.27 16.26
CA SER A 36 9.25 -6.97 16.75
C SER A 36 10.49 -6.74 15.89
N PHE A 37 10.39 -5.94 14.85
CA PHE A 37 11.54 -5.79 13.97
C PHE A 37 12.12 -4.38 14.04
N PRO A 38 13.40 -4.22 13.75
CA PRO A 38 13.98 -2.87 13.71
C PRO A 38 13.75 -2.22 12.36
N THR A 39 13.79 -0.88 12.35
CA THR A 39 13.60 -0.10 11.14
C THR A 39 14.60 1.05 11.10
N ARG A 40 14.70 1.67 9.93
CA ARG A 40 15.48 2.88 9.74
C ARG A 40 14.67 3.87 8.91
N PRO A 41 15.00 5.16 8.98
CA PRO A 41 14.13 6.18 8.36
C PRO A 41 14.24 6.19 6.85
N ILE A 42 13.09 6.20 6.19
CA ILE A 42 13.05 6.62 4.78
C ILE A 42 13.40 8.11 4.70
N PRO A 43 14.26 8.51 3.78
CA PRO A 43 14.66 9.94 3.72
C PRO A 43 13.49 10.83 3.33
N ARG A 44 13.37 11.95 4.05
CA ARG A 44 12.38 12.99 3.76
C ARG A 44 13.11 14.13 3.04
N LEU A 45 12.84 14.28 1.76
CA LEU A 45 13.59 15.19 0.92
C LEU A 45 12.67 16.12 0.14
N SER A 46 13.28 17.10 -0.50
CA SER A 46 12.57 17.98 -1.43
C SER A 46 12.73 17.45 -2.85
N GLN A 47 11.72 17.70 -3.69
CA GLN A 47 11.80 17.23 -5.06
C GLN A 47 12.94 17.90 -5.82
N SER A 48 13.41 19.06 -5.34
CA SER A 48 14.53 19.74 -5.96
C SER A 48 15.87 19.14 -5.57
N ASP A 49 15.87 18.25 -4.61
CA ASP A 49 17.12 17.68 -4.14
C ASP A 49 17.58 16.59 -5.12
N PRO A 50 18.80 16.68 -5.65
CA PRO A 50 19.27 15.63 -6.56
C PRO A 50 19.30 14.24 -5.94
N ARG A 51 19.41 14.13 -4.61
CA ARG A 51 19.33 12.82 -3.98
C ARG A 51 17.96 12.18 -4.19
N ALA A 52 16.89 12.98 -4.10
CA ALA A 52 15.56 12.42 -4.32
C ALA A 52 15.41 11.89 -5.73
N GLU A 53 16.07 12.53 -6.70
CA GLU A 53 16.05 12.04 -8.07
C GLU A 53 16.81 10.73 -8.19
N GLU A 54 17.97 10.63 -7.55
CA GLU A 54 18.75 9.40 -7.59
C GLU A 54 18.01 8.25 -6.93
N LEU A 55 17.30 8.52 -5.82
CA LEU A 55 16.57 7.45 -5.14
C LEU A 55 15.47 6.87 -6.04
N ILE A 56 14.74 7.72 -6.76
CA ILE A 56 13.62 7.24 -7.56
C ILE A 56 14.11 6.44 -8.78
N GLU A 57 15.20 6.87 -9.42
CA GLU A 57 15.68 6.14 -10.58
C GLU A 57 16.25 4.80 -10.16
N ASN A 58 16.87 4.74 -8.98
CA ASN A 58 17.37 3.50 -8.39
C ASN A 58 16.29 2.69 -7.71
N GLU A 59 15.03 3.12 -7.79
CA GLU A 59 13.90 2.38 -7.22
C GLU A 59 14.10 2.12 -5.73
N GLU A 60 14.41 3.18 -5.00
CA GLU A 60 14.43 3.19 -3.54
C GLU A 60 13.39 4.19 -3.03
N PRO A 61 12.78 3.90 -1.88
CA PRO A 61 11.70 4.77 -1.39
C PRO A 61 12.23 6.13 -0.98
N VAL A 62 11.37 7.14 -1.13
CA VAL A 62 11.70 8.48 -0.69
C VAL A 62 10.39 9.21 -0.38
N VAL A 63 10.42 10.04 0.63
CA VAL A 63 9.30 10.92 0.94
C VAL A 63 9.66 12.30 0.42
N LEU A 64 8.93 12.75 -0.60
CA LEU A 64 9.03 14.12 -1.11
C LEU A 64 8.07 15.02 -0.33
N THR A 65 8.59 16.13 0.17
CA THR A 65 7.84 17.01 1.06
C THR A 65 7.17 18.18 0.37
N ASP A 66 7.55 18.52 -0.86
CA ASP A 66 7.12 19.77 -1.47
C ASP A 66 6.83 19.61 -2.96
N THR A 67 6.09 18.55 -3.32
CA THR A 67 5.70 18.41 -4.72
C THR A 67 4.53 19.30 -5.09
N ASN A 68 3.64 19.58 -4.12
CA ASN A 68 2.32 20.15 -4.39
C ASN A 68 1.52 19.25 -5.32
N LEU A 69 1.79 17.95 -5.27
CA LEU A 69 1.13 17.03 -6.18
C LEU A 69 -0.39 17.08 -6.02
N VAL A 70 -0.88 17.02 -4.78
CA VAL A 70 -2.32 17.04 -4.57
C VAL A 70 -2.68 18.28 -3.78
N TYR A 71 -1.95 19.37 -4.03
CA TYR A 71 -2.24 20.64 -3.36
C TYR A 71 -3.72 20.98 -3.28
N PRO A 72 -4.51 21.00 -4.35
CA PRO A 72 -5.93 21.34 -4.22
C PRO A 72 -6.72 20.37 -3.34
N ALA A 73 -6.19 19.17 -3.08
CA ALA A 73 -6.90 18.19 -2.27
C ALA A 73 -6.67 18.36 -0.78
N LEU A 74 -5.67 19.16 -0.39
CA LEU A 74 -5.38 19.33 1.03
C LEU A 74 -6.58 19.88 1.80
N LYS A 75 -7.54 20.51 1.13
CA LYS A 75 -8.76 21.01 1.74
C LYS A 75 -9.84 19.93 1.91
N TRP A 76 -9.64 18.73 1.38
CA TRP A 76 -10.68 17.71 1.44
C TRP A 76 -10.92 17.23 2.87
N ASP A 77 -12.20 17.08 3.22
CA ASP A 77 -12.64 16.34 4.40
C ASP A 77 -13.95 15.65 4.05
N LEU A 78 -14.57 15.03 5.05
CA LEU A 78 -15.78 14.25 4.80
C LEU A 78 -16.92 15.11 4.26
N GLU A 79 -17.08 16.34 4.78
CA GLU A 79 -18.19 17.18 4.34
C GLU A 79 -17.97 17.71 2.92
N TYR A 80 -16.76 18.21 2.64
CA TYR A 80 -16.48 18.71 1.30
C TYR A 80 -16.64 17.60 0.26
N LEU A 81 -16.11 16.41 0.53
CA LEU A 81 -16.24 15.30 -0.41
C LEU A 81 -17.69 14.87 -0.57
N GLN A 82 -18.42 14.72 0.54
CA GLN A 82 -19.82 14.33 0.46
C GLN A 82 -20.63 15.27 -0.40
N GLU A 83 -20.28 16.56 -0.40
CA GLU A 83 -21.02 17.55 -1.18
C GLU A 83 -20.68 17.55 -2.66
N ASN A 84 -19.49 17.07 -3.04
CA ASN A 84 -19.02 17.26 -4.41
C ASN A 84 -18.58 16.00 -5.13
N ILE A 85 -18.36 14.88 -4.44
CA ILE A 85 -17.79 13.73 -5.12
C ILE A 85 -18.75 13.10 -6.11
N GLY A 86 -20.04 13.40 -5.99
CA GLY A 86 -21.02 12.84 -6.90
C GLY A 86 -21.79 11.67 -6.30
N ASN A 87 -22.50 10.96 -7.17
CA ASN A 87 -23.37 9.86 -6.76
C ASN A 87 -22.94 8.54 -7.37
N GLY A 88 -21.64 8.30 -7.48
CA GLY A 88 -21.15 6.99 -7.86
C GLY A 88 -21.24 6.02 -6.71
N ASP A 89 -20.82 4.78 -6.98
CA ASP A 89 -20.67 3.78 -5.95
C ASP A 89 -19.22 3.72 -5.49
N PHE A 90 -19.03 3.58 -4.18
CA PHE A 90 -17.72 3.51 -3.56
C PHE A 90 -17.57 2.17 -2.83
N SER A 91 -16.48 1.47 -3.13
CA SER A 91 -16.20 0.21 -2.45
C SER A 91 -15.79 0.47 -1.00
N VAL A 92 -16.54 -0.08 -0.06
CA VAL A 92 -16.25 0.08 1.37
C VAL A 92 -15.95 -1.30 1.95
N TYR A 93 -14.73 -1.47 2.47
CA TYR A 93 -14.34 -2.72 3.09
C TYR A 93 -14.60 -2.63 4.59
N SER A 94 -15.16 -3.70 5.15
CA SER A 94 -15.44 -3.79 6.58
C SER A 94 -14.50 -4.82 7.21
N ALA A 95 -14.31 -4.71 8.52
CA ALA A 95 -13.47 -5.64 9.25
C ALA A 95 -13.78 -5.56 10.74
N SER A 96 -13.84 -6.72 11.39
CA SER A 96 -14.06 -6.77 12.83
C SER A 96 -12.80 -6.44 13.62
N THR A 97 -11.63 -6.56 13.00
CA THR A 97 -10.34 -6.25 13.61
C THR A 97 -9.73 -5.04 12.90
N HIS A 98 -8.55 -4.63 13.36
CA HIS A 98 -7.86 -3.49 12.76
C HIS A 98 -7.10 -3.85 11.49
N LYS A 99 -6.89 -5.13 11.22
CA LYS A 99 -6.17 -5.57 10.03
C LYS A 99 -7.15 -5.85 8.90
N PHE A 100 -6.94 -5.21 7.76
CA PHE A 100 -7.79 -5.34 6.57
C PHE A 100 -7.09 -6.22 5.55
N LEU A 101 -7.22 -7.53 5.69
CA LEU A 101 -6.65 -8.46 4.71
C LEU A 101 -7.60 -8.58 3.51
N TYR A 102 -7.06 -8.37 2.31
CA TYR A 102 -7.85 -8.33 1.09
C TYR A 102 -7.76 -9.67 0.35
N TYR A 103 -8.83 -10.01 -0.39
CA TYR A 103 -8.93 -11.27 -1.10
C TYR A 103 -9.22 -11.02 -2.57
N ASP A 104 -8.41 -11.60 -3.45
CA ASP A 104 -8.73 -11.62 -4.87
C ASP A 104 -9.96 -12.49 -5.06
N GLU A 105 -11.10 -11.86 -5.37
CA GLU A 105 -12.35 -12.60 -5.47
C GLU A 105 -12.33 -13.60 -6.61
N LYS A 106 -11.55 -13.31 -7.67
CA LYS A 106 -11.47 -14.25 -8.78
C LYS A 106 -10.73 -15.53 -8.37
N LYS A 107 -9.72 -15.41 -7.52
CA LYS A 107 -8.95 -16.56 -7.07
C LYS A 107 -9.63 -17.35 -5.96
N MET A 108 -10.77 -16.89 -5.47
CA MET A 108 -11.44 -17.58 -4.38
C MET A 108 -11.97 -18.95 -4.79
N ALA A 109 -12.00 -19.25 -6.09
CA ALA A 109 -12.44 -20.56 -6.55
C ALA A 109 -11.39 -21.64 -6.28
N ASN A 110 -10.11 -21.31 -6.48
CA ASN A 110 -9.05 -22.31 -6.30
C ASN A 110 -9.00 -22.84 -4.87
N PHE A 111 -9.32 -22.00 -3.89
CA PHE A 111 -9.21 -22.35 -2.48
C PHE A 111 -10.61 -22.35 -1.86
N GLN A 112 -11.34 -23.45 -2.07
CA GLN A 112 -12.71 -23.57 -1.56
C GLN A 112 -12.75 -23.59 -0.04
N ASN A 113 -11.67 -24.07 0.60
CA ASN A 113 -11.62 -24.23 2.05
C ASN A 113 -11.31 -22.94 2.79
N PHE A 114 -11.87 -21.81 2.35
CA PHE A 114 -11.64 -20.54 3.04
C PHE A 114 -12.73 -19.55 2.65
N LYS A 115 -13.23 -18.82 3.64
CA LYS A 115 -14.20 -17.77 3.47
C LYS A 115 -13.64 -16.47 4.03
N PRO A 116 -13.90 -15.33 3.39
CA PRO A 116 -13.17 -14.09 3.73
C PRO A 116 -13.54 -13.56 5.10
N ARG A 117 -12.71 -12.62 5.57
CA ARG A 117 -12.91 -11.95 6.86
C ARG A 117 -12.96 -10.43 6.75
N SER A 118 -12.88 -9.86 5.54
CA SER A 118 -13.02 -8.43 5.31
C SER A 118 -13.99 -8.22 4.14
N ASN A 119 -15.26 -7.97 4.46
CA ASN A 119 -16.31 -7.88 3.45
C ASN A 119 -16.25 -6.56 2.70
N ARG A 120 -16.40 -6.63 1.38
CA ARG A 120 -16.56 -5.43 0.56
C ARG A 120 -18.05 -5.15 0.37
N GLU A 121 -18.39 -3.86 0.32
CA GLU A 121 -19.79 -3.46 0.15
C GLU A 121 -19.84 -2.15 -0.62
N GLU A 122 -20.51 -2.17 -1.77
CA GLU A 122 -20.68 -0.97 -2.57
C GLU A 122 -21.78 -0.08 -2.01
N MET A 123 -21.54 1.22 -2.00
CA MET A 123 -22.53 2.17 -1.50
C MET A 123 -22.20 3.56 -2.02
N LYS A 124 -23.11 4.50 -1.75
CA LYS A 124 -22.92 5.89 -2.11
C LYS A 124 -22.16 6.60 -0.99
N PHE A 125 -21.47 7.69 -1.35
CA PHE A 125 -20.57 8.36 -0.42
C PHE A 125 -21.30 8.83 0.83
N HIS A 126 -22.52 9.32 0.69
CA HIS A 126 -23.25 9.79 1.87
C HIS A 126 -23.57 8.63 2.80
N GLU A 127 -23.79 7.43 2.25
CA GLU A 127 -24.05 6.27 3.10
C GLU A 127 -22.82 5.88 3.90
N PHE A 128 -21.64 6.00 3.30
CA PHE A 128 -20.41 5.69 4.02
C PHE A 128 -20.18 6.68 5.17
N VAL A 129 -20.49 7.97 4.96
CA VAL A 129 -20.35 8.97 6.00
C VAL A 129 -21.36 8.72 7.12
N GLU A 130 -22.59 8.37 6.75
CA GLU A 130 -23.59 8.02 7.76
C GLU A 130 -23.19 6.76 8.50
N LYS A 131 -22.67 5.77 7.77
CA LYS A 131 -22.25 4.51 8.39
C LYS A 131 -21.09 4.72 9.34
N LEU A 132 -20.25 5.73 9.07
CA LEU A 132 -19.06 5.93 9.87
C LEU A 132 -19.38 6.57 11.23
N GLN A 133 -20.02 7.74 11.21
CA GLN A 133 -20.33 8.38 12.47
C GLN A 133 -21.43 7.65 13.24
N ASP A 134 -22.16 6.74 12.60
CA ASP A 134 -22.96 5.78 13.35
C ASP A 134 -22.06 4.93 14.25
N ILE A 135 -20.95 4.44 13.70
CA ILE A 135 -20.06 3.56 14.46
C ILE A 135 -19.43 4.30 15.63
N GLN A 136 -19.09 5.57 15.43
CA GLN A 136 -18.47 6.34 16.51
C GLN A 136 -19.47 6.66 17.61
N GLN A 137 -20.75 6.71 17.29
CA GLN A 137 -21.76 6.99 18.31
C GLN A 137 -22.29 5.73 18.97
N ARG A 138 -22.36 4.61 18.24
CA ARG A 138 -22.64 3.33 18.88
C ARG A 138 -21.43 2.78 19.64
N GLY A 139 -20.29 3.47 19.57
CA GLY A 139 -19.06 3.03 20.18
C GLY A 139 -18.54 1.69 19.70
N GLY A 140 -19.03 1.19 18.58
CA GLY A 140 -18.71 -0.15 18.15
C GLY A 140 -17.26 -0.31 17.72
N GLU A 141 -16.84 -1.57 17.62
CA GLU A 141 -15.48 -1.90 17.23
C GLU A 141 -15.29 -2.04 15.73
N GLU A 142 -16.38 -2.09 14.96
CA GLU A 142 -16.27 -2.28 13.52
C GLU A 142 -15.54 -1.13 12.86
N ARG A 143 -14.69 -1.45 11.88
CA ARG A 143 -13.91 -0.48 11.15
C ARG A 143 -14.27 -0.55 9.67
N LEU A 144 -14.16 0.59 9.00
CA LEU A 144 -14.46 0.70 7.58
C LEU A 144 -13.25 1.30 6.86
N TYR A 145 -13.16 1.02 5.56
CA TYR A 145 -12.07 1.54 4.75
C TYR A 145 -12.61 1.74 3.33
N LEU A 146 -12.87 2.99 2.97
CA LEU A 146 -13.31 3.29 1.62
C LEU A 146 -12.09 3.33 0.70
N GLN A 147 -12.16 2.56 -0.39
CA GLN A 147 -11.08 2.46 -1.38
C GLN A 147 -11.73 2.37 -2.75
N GLN A 148 -11.72 3.48 -3.49
CA GLN A 148 -12.44 3.58 -4.75
C GLN A 148 -11.56 4.26 -5.80
N THR A 149 -11.38 3.60 -6.94
CA THR A 149 -10.71 4.22 -8.08
C THR A 149 -11.50 5.44 -8.53
N LEU A 150 -10.82 6.57 -8.70
CA LEU A 150 -11.44 7.80 -9.16
C LEU A 150 -11.77 7.71 -10.65
N ASN A 151 -13.01 8.04 -11.00
CA ASN A 151 -13.48 8.05 -12.38
C ASN A 151 -13.88 9.46 -12.81
N ASP A 152 -14.61 9.60 -13.90
CA ASP A 152 -15.19 10.87 -14.29
C ASP A 152 -16.65 11.01 -13.86
N THR A 153 -17.17 10.06 -13.09
CA THR A 153 -18.53 10.16 -12.57
C THR A 153 -18.55 11.10 -11.37
N VAL A 154 -17.52 11.91 -11.24
CA VAL A 154 -17.26 12.69 -10.05
C VAL A 154 -17.63 14.14 -10.31
N GLY A 155 -18.09 14.82 -9.25
CA GLY A 155 -18.68 16.14 -9.40
C GLY A 155 -17.71 17.17 -9.93
N ARG A 156 -18.27 18.35 -10.25
CA ARG A 156 -17.51 19.36 -10.97
C ARG A 156 -16.37 19.93 -10.13
N LYS A 157 -16.61 20.17 -8.83
CA LYS A 157 -15.57 20.78 -8.01
C LYS A 157 -14.41 19.81 -7.78
N ILE A 158 -14.69 18.51 -7.68
CA ILE A 158 -13.61 17.53 -7.54
C ILE A 158 -12.87 17.37 -8.86
N VAL A 159 -13.56 17.54 -9.99
CA VAL A 159 -12.85 17.53 -11.27
C VAL A 159 -11.88 18.68 -11.35
N MET A 160 -12.30 19.86 -10.89
CA MET A 160 -11.42 21.01 -10.80
C MET A 160 -10.21 20.74 -9.91
N ASP A 161 -10.44 20.13 -8.74
CA ASP A 161 -9.34 19.81 -7.85
C ASP A 161 -8.34 18.86 -8.52
N PHE A 162 -8.87 17.83 -9.17
CA PHE A 162 -8.03 16.89 -9.94
C PHE A 162 -7.19 17.65 -10.95
N LEU A 163 -7.81 18.51 -11.75
CA LEU A 163 -7.07 19.34 -12.70
C LEU A 163 -6.01 20.18 -12.00
N GLY A 164 -6.21 20.52 -10.74
CA GLY A 164 -5.21 21.24 -10.00
C GLY A 164 -4.03 20.44 -9.49
N PHE A 165 -3.96 19.14 -9.74
CA PHE A 165 -2.81 18.39 -9.27
C PHE A 165 -1.56 18.81 -10.06
N ASN A 166 -0.38 18.53 -9.50
CA ASN A 166 0.85 18.92 -10.18
C ASN A 166 1.19 17.90 -11.27
N TRP A 167 0.41 17.90 -12.35
CA TRP A 167 0.63 16.98 -13.44
C TRP A 167 1.95 17.24 -14.16
N ASN A 168 2.43 18.49 -14.19
CA ASN A 168 3.76 18.78 -14.73
C ASN A 168 4.83 17.92 -14.05
N TRP A 169 4.82 17.86 -12.72
CA TRP A 169 5.89 17.17 -12.01
C TRP A 169 5.79 15.66 -12.20
N ILE A 170 4.61 15.09 -12.00
CA ILE A 170 4.51 13.64 -12.03
C ILE A 170 4.59 13.11 -13.46
N ASN A 171 4.15 13.87 -14.46
CA ASN A 171 4.30 13.41 -15.84
C ASN A 171 5.77 13.35 -16.25
N LYS A 172 6.56 14.34 -15.83
CA LYS A 172 8.00 14.30 -16.11
C LYS A 172 8.67 13.17 -15.34
N GLN A 173 8.19 12.85 -14.14
CA GLN A 173 8.70 11.67 -13.44
C GLN A 173 8.39 10.41 -14.21
N GLN A 174 7.22 10.35 -14.87
CA GLN A 174 6.87 9.18 -15.66
C GLN A 174 7.77 9.08 -16.90
N GLY A 175 8.06 10.21 -17.55
CA GLY A 175 8.92 10.22 -18.71
C GLY A 175 10.38 9.91 -18.41
N LYS A 176 10.91 10.49 -17.32
CA LYS A 176 12.32 10.31 -17.00
C LYS A 176 12.64 8.88 -16.56
N ARG A 177 11.67 8.16 -16.01
CA ARG A 177 11.91 6.80 -15.54
C ARG A 177 11.53 5.74 -16.57
N GLY A 178 11.01 6.14 -17.72
CA GLY A 178 10.58 5.18 -18.71
C GLY A 178 9.36 4.38 -18.32
N TRP A 179 8.62 4.83 -17.31
CA TRP A 179 7.45 4.11 -16.83
C TRP A 179 6.38 4.02 -17.92
N GLY A 180 5.45 3.09 -17.71
CA GLY A 180 4.28 2.99 -18.57
C GLY A 180 3.28 4.07 -18.26
N GLN A 181 2.01 3.83 -18.57
CA GLN A 181 1.02 4.87 -18.38
C GLN A 181 0.46 4.82 -16.96
N LEU A 182 -0.18 5.93 -16.57
CA LEU A 182 -0.91 5.96 -15.32
C LEU A 182 -2.13 5.05 -15.43
N THR A 183 -2.25 4.10 -14.52
CA THR A 183 -3.33 3.11 -14.62
C THR A 183 -4.54 3.44 -13.76
N SER A 184 -4.35 3.92 -12.53
CA SER A 184 -5.50 4.34 -11.73
C SER A 184 -5.08 5.37 -10.69
N ASN A 185 -6.09 6.06 -10.16
CA ASN A 185 -5.97 7.02 -9.05
C ASN A 185 -6.89 6.52 -7.95
N LEU A 186 -6.34 5.76 -7.01
CA LEU A 186 -7.12 5.17 -5.93
C LEU A 186 -7.27 6.17 -4.78
N LEU A 187 -8.51 6.55 -4.48
CA LEU A 187 -8.82 7.29 -3.26
C LEU A 187 -8.99 6.34 -2.08
N LEU A 188 -8.24 6.58 -1.00
CA LEU A 188 -8.38 5.82 0.24
C LEU A 188 -8.80 6.77 1.35
N ILE A 189 -9.89 6.43 2.03
CA ILE A 189 -10.34 7.11 3.24
C ILE A 189 -10.51 6.04 4.31
N GLY A 190 -9.88 6.23 5.47
CA GLY A 190 -9.82 5.19 6.47
C GLY A 190 -10.04 5.74 7.87
N MET A 191 -10.35 4.82 8.78
CA MET A 191 -10.53 5.15 10.17
C MET A 191 -9.20 5.02 10.92
N GLU A 192 -9.08 5.77 12.01
CA GLU A 192 -7.88 5.70 12.83
C GLU A 192 -7.64 4.26 13.28
N GLY A 193 -6.37 3.87 13.35
CA GLY A 193 -6.00 2.52 13.74
C GLY A 193 -6.07 1.49 12.63
N ASN A 194 -6.71 1.80 11.50
CA ASN A 194 -6.79 0.85 10.39
C ASN A 194 -5.39 0.46 9.92
N VAL A 195 -5.24 -0.82 9.57
CA VAL A 195 -3.97 -1.39 9.17
C VAL A 195 -4.15 -2.09 7.83
N THR A 196 -3.32 -1.76 6.86
CA THR A 196 -3.26 -2.52 5.63
C THR A 196 -2.04 -3.42 5.73
N PRO A 197 -2.21 -4.74 5.86
CA PRO A 197 -1.07 -5.58 6.21
C PRO A 197 -0.09 -5.74 5.06
N ALA A 198 1.13 -6.15 5.42
CA ALA A 198 2.26 -6.07 4.50
C ALA A 198 1.99 -6.84 3.22
N HIS A 199 2.24 -6.17 2.09
CA HIS A 199 2.08 -6.76 0.78
C HIS A 199 2.96 -5.96 -0.18
N TYR A 200 3.12 -6.49 -1.38
CA TYR A 200 3.82 -5.76 -2.43
C TYR A 200 2.92 -5.64 -3.65
N ASP A 201 3.18 -4.61 -4.45
CA ASP A 201 2.47 -4.35 -5.69
C ASP A 201 3.46 -4.45 -6.84
N GLU A 202 2.92 -4.64 -8.04
CA GLU A 202 3.76 -4.82 -9.21
C GLU A 202 3.89 -3.55 -10.04
N GLN A 203 3.35 -2.43 -9.55
CA GLN A 203 3.41 -1.15 -10.25
C GLN A 203 4.13 -0.12 -9.39
N GLN A 204 4.67 0.90 -10.06
CA GLN A 204 5.27 2.04 -9.38
C GLN A 204 4.18 2.92 -8.77
N ASN A 205 4.41 3.37 -7.53
CA ASN A 205 3.37 4.05 -6.76
C ASN A 205 3.90 5.34 -6.17
N PHE A 206 3.17 6.45 -6.43
CA PHE A 206 3.31 7.70 -5.69
C PHE A 206 2.13 7.83 -4.75
N PHE A 207 2.41 7.75 -3.45
CA PHE A 207 1.43 7.67 -2.35
C PHE A 207 1.27 9.07 -1.77
N ALA A 208 0.21 9.77 -2.15
CA ALA A 208 0.08 11.20 -1.86
C ALA A 208 -0.88 11.42 -0.69
N GLN A 209 -0.31 11.82 0.46
CA GLN A 209 -1.07 11.94 1.69
C GLN A 209 -1.79 13.27 1.78
N ILE A 210 -3.04 13.23 2.27
CA ILE A 210 -3.94 14.37 2.16
C ILE A 210 -4.45 14.84 3.53
N LYS A 211 -4.99 13.91 4.32
CA LYS A 211 -5.52 14.22 5.63
C LYS A 211 -5.10 13.12 6.60
N GLY A 212 -4.74 13.51 7.82
CA GLY A 212 -4.29 12.55 8.81
C GLY A 212 -2.89 12.04 8.51
N TYR A 213 -2.47 11.08 9.34
CA TYR A 213 -1.11 10.58 9.29
C TYR A 213 -1.12 9.07 9.16
N LYS A 214 -0.23 8.56 8.30
CA LYS A 214 -0.09 7.14 8.03
C LYS A 214 1.35 6.73 8.22
N ARG A 215 1.58 5.75 9.09
CA ARG A 215 2.88 5.16 9.29
C ARG A 215 3.11 4.09 8.24
N CYS A 216 4.10 4.31 7.38
CA CYS A 216 4.40 3.38 6.30
C CYS A 216 5.71 2.65 6.61
N ILE A 217 5.63 1.32 6.67
CA ILE A 217 6.79 0.46 6.91
C ILE A 217 7.05 -0.33 5.64
N LEU A 218 8.22 -0.14 5.03
CA LEU A 218 8.54 -0.77 3.75
C LEU A 218 9.66 -1.79 3.93
N PHE A 219 9.65 -2.83 3.09
CA PHE A 219 10.73 -3.83 3.08
C PHE A 219 11.19 -4.05 1.65
N PRO A 220 12.49 -4.10 1.39
CA PRO A 220 12.99 -4.24 0.01
C PRO A 220 12.65 -5.60 -0.57
N PRO A 221 12.71 -5.75 -1.89
CA PRO A 221 12.40 -7.05 -2.51
C PRO A 221 13.34 -8.19 -2.10
N ASP A 222 14.58 -7.90 -1.66
CA ASP A 222 15.48 -8.99 -1.27
C ASP A 222 15.09 -9.64 0.06
N GLN A 223 14.00 -9.20 0.68
CA GLN A 223 13.56 -9.78 1.94
C GLN A 223 12.36 -10.68 1.74
N PHE A 224 12.02 -10.98 0.48
CA PHE A 224 11.09 -12.05 0.14
C PHE A 224 11.15 -13.21 1.13
N GLU A 225 12.36 -13.70 1.40
CA GLU A 225 12.46 -14.92 2.21
C GLU A 225 12.09 -14.71 3.68
N CYS A 226 12.05 -13.47 4.16
CA CYS A 226 11.65 -13.20 5.54
C CYS A 226 10.16 -12.92 5.69
N LEU A 227 9.43 -12.70 4.57
CA LEU A 227 8.05 -12.22 4.64
C LEU A 227 7.01 -13.21 4.17
N TYR A 228 7.40 -14.27 3.47
CA TYR A 228 6.57 -15.45 3.27
C TYR A 228 5.24 -15.17 2.58
N PRO A 229 5.24 -14.65 1.36
CA PRO A 229 3.96 -14.37 0.68
C PRO A 229 3.17 -15.65 0.46
N TYR A 230 1.84 -15.50 0.48
CA TYR A 230 0.92 -16.57 0.10
C TYR A 230 1.29 -17.14 -1.28
N PRO A 231 0.77 -18.32 -1.61
CA PRO A 231 0.93 -18.82 -2.98
C PRO A 231 0.28 -17.89 -4.00
N VAL A 232 0.89 -17.82 -5.18
CA VAL A 232 0.40 -16.94 -6.23
C VAL A 232 -1.08 -17.20 -6.50
N HIS A 233 -1.51 -18.46 -6.47
CA HIS A 233 -2.91 -18.76 -6.72
C HIS A 233 -3.81 -18.50 -5.52
N HIS A 234 -3.27 -18.23 -4.34
CA HIS A 234 -4.11 -17.96 -3.18
C HIS A 234 -4.80 -16.60 -3.32
N PRO A 235 -6.04 -16.48 -2.84
CA PRO A 235 -6.71 -15.15 -2.89
C PRO A 235 -5.90 -14.02 -2.27
N CYS A 236 -5.05 -14.32 -1.30
CA CYS A 236 -4.21 -13.32 -0.64
C CYS A 236 -2.84 -13.19 -1.30
N ASP A 237 -2.71 -13.64 -2.54
CA ASP A 237 -1.51 -13.45 -3.35
C ASP A 237 -0.97 -12.04 -3.18
N ARG A 238 0.34 -11.98 -2.90
CA ARG A 238 1.16 -10.77 -2.77
C ARG A 238 1.17 -10.28 -1.32
N GLN A 239 0.43 -10.89 -0.41
CA GLN A 239 0.47 -10.51 1.00
C GLN A 239 1.36 -11.45 1.79
N SER A 240 2.02 -10.89 2.79
CA SER A 240 2.72 -11.68 3.79
C SER A 240 1.75 -12.58 4.54
N GLN A 241 2.20 -13.81 4.79
CA GLN A 241 1.46 -14.70 5.68
C GLN A 241 1.71 -14.40 7.14
N VAL A 242 2.66 -13.52 7.44
CA VAL A 242 3.10 -13.32 8.82
C VAL A 242 2.19 -12.33 9.52
N ASP A 243 1.65 -12.74 10.66
CA ASP A 243 0.88 -11.85 11.52
C ASP A 243 1.85 -10.94 12.27
N PHE A 244 1.97 -9.68 11.84
CA PHE A 244 2.94 -8.78 12.49
C PHE A 244 2.63 -8.57 13.97
N ASP A 245 1.39 -8.83 14.40
CA ASP A 245 1.05 -8.70 15.81
C ASP A 245 1.38 -9.96 16.60
N ASN A 246 1.54 -11.11 15.94
CA ASN A 246 1.80 -12.39 16.61
C ASN A 246 2.59 -13.28 15.66
N PRO A 247 3.85 -12.95 15.36
CA PRO A 247 4.59 -13.68 14.33
C PRO A 247 4.91 -15.11 14.78
N ASP A 248 4.61 -16.07 13.91
CA ASP A 248 4.83 -17.49 14.19
C ASP A 248 6.23 -17.86 13.72
N TYR A 249 7.19 -17.62 14.60
CA TYR A 249 8.60 -17.88 14.30
C TYR A 249 8.88 -19.34 13.94
N GLU A 250 8.02 -20.27 14.37
CA GLU A 250 8.25 -21.66 13.96
C GLU A 250 7.90 -21.88 12.49
N ARG A 251 6.80 -21.29 12.00
CA ARG A 251 6.49 -21.42 10.57
C ARG A 251 7.28 -20.42 9.74
N PHE A 252 7.67 -19.29 10.30
CA PHE A 252 8.22 -18.18 9.51
C PHE A 252 9.54 -17.71 10.13
N PRO A 253 10.53 -18.60 10.25
CA PRO A 253 11.70 -18.27 11.07
C PRO A 253 12.51 -17.10 10.53
N ASN A 254 12.51 -16.86 9.22
CA ASN A 254 13.33 -15.74 8.76
C ASN A 254 12.67 -14.40 9.03
N PHE A 255 11.47 -14.36 9.59
CA PHE A 255 10.91 -13.09 10.01
C PHE A 255 11.71 -12.45 11.14
N GLN A 256 12.50 -13.24 11.87
CA GLN A 256 13.39 -12.71 12.91
C GLN A 256 14.53 -11.91 12.32
N ASN A 257 14.72 -11.97 11.01
CA ASN A 257 15.78 -11.25 10.32
C ASN A 257 15.26 -10.04 9.53
N VAL A 258 13.96 -9.74 9.59
CA VAL A 258 13.41 -8.70 8.73
C VAL A 258 13.82 -7.32 9.24
N VAL A 259 14.15 -6.43 8.31
CA VAL A 259 14.48 -5.04 8.64
C VAL A 259 13.72 -4.12 7.71
N GLY A 260 12.96 -3.17 8.30
CA GLY A 260 12.12 -2.28 7.55
C GLY A 260 12.69 -0.88 7.37
N TYR A 261 12.07 -0.18 6.43
CA TYR A 261 12.25 1.26 6.25
C TYR A 261 10.94 1.92 6.63
N GLU A 262 11.01 2.92 7.51
CA GLU A 262 9.85 3.47 8.17
C GLU A 262 9.75 4.96 7.91
N THR A 263 8.52 5.44 7.80
CA THR A 263 8.24 6.87 7.80
C THR A 263 6.79 7.08 8.20
N VAL A 264 6.49 8.31 8.61
CA VAL A 264 5.13 8.76 8.86
C VAL A 264 4.86 9.90 7.88
N VAL A 265 3.89 9.70 6.97
CA VAL A 265 3.55 10.73 5.99
C VAL A 265 2.35 11.52 6.49
N GLY A 266 2.39 12.84 6.27
CA GLY A 266 1.29 13.70 6.61
C GLY A 266 0.81 14.51 5.42
N PRO A 267 -0.14 15.42 5.65
CA PRO A 267 -0.69 16.20 4.52
C PRO A 267 0.43 16.89 3.75
N GLY A 268 0.34 16.84 2.42
CA GLY A 268 1.36 17.38 1.56
C GLY A 268 2.50 16.44 1.21
N ASP A 269 2.68 15.35 1.96
CA ASP A 269 3.79 14.43 1.68
C ASP A 269 3.43 13.43 0.59
N VAL A 270 4.45 13.04 -0.18
CA VAL A 270 4.30 12.05 -1.24
C VAL A 270 5.38 11.00 -1.04
N LEU A 271 4.96 9.76 -0.75
CA LEU A 271 5.88 8.63 -0.56
C LEU A 271 5.97 7.85 -1.87
N TYR A 272 7.18 7.69 -2.36
CA TYR A 272 7.41 6.82 -3.51
C TYR A 272 7.59 5.39 -2.99
N ILE A 273 6.65 4.52 -3.34
CA ILE A 273 6.79 3.11 -3.00
C ILE A 273 7.24 2.40 -4.27
N PRO A 274 8.50 1.96 -4.34
CA PRO A 274 8.98 1.36 -5.59
C PRO A 274 8.25 0.06 -5.89
N MET A 275 8.24 -0.29 -7.16
CA MET A 275 7.67 -1.55 -7.60
C MET A 275 8.34 -2.71 -6.85
N TYR A 276 7.50 -3.62 -6.34
CA TYR A 276 7.89 -4.86 -5.64
C TYR A 276 8.40 -4.62 -4.23
N TRP A 277 8.34 -3.39 -3.72
CA TRP A 277 8.68 -3.15 -2.32
C TRP A 277 7.49 -3.49 -1.43
N TRP A 278 7.74 -4.28 -0.39
CA TRP A 278 6.69 -4.58 0.59
C TRP A 278 6.30 -3.29 1.30
N HIS A 279 5.02 -3.14 1.61
CA HIS A 279 4.62 -2.03 2.45
C HIS A 279 3.50 -2.45 3.39
N HIS A 280 3.63 -2.01 4.63
CA HIS A 280 2.64 -2.15 5.69
C HIS A 280 2.25 -0.74 6.10
N ILE A 281 0.96 -0.40 5.96
CA ILE A 281 0.46 0.96 6.17
C ILE A 281 -0.55 0.94 7.30
N GLU A 282 -0.43 1.91 8.22
CA GLU A 282 -1.40 1.98 9.30
C GLU A 282 -1.80 3.41 9.57
N SER A 283 -3.09 3.62 9.79
CA SER A 283 -3.57 4.94 10.17
C SER A 283 -3.35 5.13 11.66
N LEU A 284 -2.68 6.22 12.01
CA LEU A 284 -2.20 6.39 13.38
C LEU A 284 -3.34 6.30 14.37
N LEU A 285 -3.09 5.60 15.47
CA LEU A 285 -4.05 5.46 16.56
C LEU A 285 -4.47 6.84 17.06
N ASN A 286 -5.77 7.00 17.30
CA ASN A 286 -6.38 8.23 17.82
C ASN A 286 -6.05 9.46 16.98
N GLY A 287 -5.70 9.28 15.71
CA GLY A 287 -5.36 10.36 14.83
C GLY A 287 -6.47 10.82 13.91
N GLY A 288 -7.67 10.28 14.04
CA GLY A 288 -8.77 10.67 13.18
C GLY A 288 -8.75 9.91 11.87
N ILE A 289 -9.56 10.39 10.92
CA ILE A 289 -9.61 9.74 9.63
C ILE A 289 -8.39 10.13 8.80
N THR A 290 -8.01 9.26 7.87
CA THR A 290 -6.94 9.52 6.94
C THR A 290 -7.47 9.55 5.52
N ILE A 291 -6.87 10.38 4.68
CA ILE A 291 -7.20 10.46 3.26
C ILE A 291 -5.90 10.41 2.46
N THR A 292 -5.89 9.58 1.42
CA THR A 292 -4.73 9.38 0.55
C THR A 292 -5.23 9.23 -0.87
N VAL A 293 -4.47 9.78 -1.83
CA VAL A 293 -4.63 9.40 -3.23
C VAL A 293 -3.35 8.73 -3.70
N ASN A 294 -3.50 7.57 -4.34
CA ASN A 294 -2.40 6.82 -4.94
C ASN A 294 -2.34 7.08 -6.43
N PHE A 295 -1.12 7.04 -6.99
CA PHE A 295 -0.91 7.12 -8.43
C PHE A 295 -0.12 5.88 -8.86
N TRP A 296 -0.71 5.04 -9.70
CA TRP A 296 -0.06 3.80 -10.14
C TRP A 296 0.44 3.96 -11.58
N TYR A 297 1.72 3.69 -11.78
CA TYR A 297 2.31 3.64 -13.11
C TYR A 297 2.84 2.23 -13.35
N LYS A 298 2.56 1.68 -14.52
CA LYS A 298 3.23 0.45 -14.94
C LYS A 298 4.73 0.71 -14.99
N GLY A 299 5.51 -0.26 -14.51
CA GLY A 299 6.95 -0.11 -14.56
C GLY A 299 7.48 -0.06 -15.98
N ALA A 300 8.74 0.34 -16.10
CA ALA A 300 9.38 0.39 -17.40
C ALA A 300 9.53 -1.04 -17.95
N PRO A 301 9.46 -1.19 -19.28
CA PRO A 301 9.55 -2.54 -19.86
C PRO A 301 10.92 -3.17 -19.62
N THR A 302 10.94 -4.50 -19.55
CA THR A 302 12.17 -5.22 -19.28
C THR A 302 13.21 -4.90 -20.36
N PRO A 303 14.46 -4.61 -19.99
CA PRO A 303 15.40 -4.03 -20.96
C PRO A 303 15.83 -5.05 -22.01
N LYS A 304 16.59 -4.53 -22.99
CA LYS A 304 17.05 -5.32 -24.12
C LYS A 304 18.03 -6.39 -23.67
N ARG A 305 19.23 -5.98 -23.28
CA ARG A 305 20.25 -6.89 -22.78
C ARG A 305 20.03 -7.12 -21.29
N ILE A 306 19.84 -8.37 -20.89
CA ILE A 306 19.64 -8.72 -19.49
C ILE A 306 20.98 -8.65 -18.78
N GLU A 307 21.06 -7.81 -17.75
CA GLU A 307 22.28 -7.65 -16.96
C GLU A 307 22.26 -8.62 -15.80
N TYR A 308 23.40 -9.27 -15.57
CA TYR A 308 23.57 -10.15 -14.44
C TYR A 308 24.57 -9.56 -13.45
N PRO A 309 24.40 -9.78 -12.14
CA PRO A 309 23.34 -10.59 -11.53
C PRO A 309 21.97 -9.91 -11.61
N LEU A 310 20.91 -10.70 -11.53
CA LEU A 310 19.57 -10.14 -11.63
C LEU A 310 19.22 -9.34 -10.39
N LYS A 311 18.38 -8.32 -10.58
CA LYS A 311 17.79 -7.63 -9.45
C LYS A 311 16.91 -8.59 -8.64
N ALA A 312 16.75 -8.29 -7.36
CA ALA A 312 15.89 -9.10 -6.50
C ALA A 312 14.47 -9.15 -7.04
N HIS A 313 13.97 -8.02 -7.58
CA HIS A 313 12.59 -8.00 -8.05
C HIS A 313 12.41 -8.81 -9.32
N GLN A 314 13.46 -9.00 -10.10
CA GLN A 314 13.35 -9.90 -11.24
C GLN A 314 13.21 -11.34 -10.78
N LYS A 315 13.95 -11.72 -9.72
CA LYS A 315 13.83 -13.08 -9.18
C LYS A 315 12.45 -13.32 -8.59
N VAL A 316 11.87 -12.31 -7.91
CA VAL A 316 10.48 -12.44 -7.47
C VAL A 316 9.57 -12.67 -8.67
N ALA A 317 9.75 -11.85 -9.72
CA ALA A 317 8.94 -12.01 -10.92
C ALA A 317 9.11 -13.40 -11.52
N ILE A 318 10.35 -13.93 -11.51
CA ILE A 318 10.60 -15.29 -11.96
C ILE A 318 9.84 -16.29 -11.11
N MET A 319 9.91 -16.14 -9.78
CA MET A 319 9.22 -17.09 -8.91
C MET A 319 7.71 -17.05 -9.16
N ARG A 320 7.16 -15.85 -9.41
CA ARG A 320 5.74 -15.76 -9.73
C ARG A 320 5.40 -16.51 -11.01
N ASN A 321 6.25 -16.39 -12.03
CA ASN A 321 5.95 -17.04 -13.31
C ASN A 321 6.03 -18.56 -13.20
N ILE A 322 6.98 -19.08 -12.42
CA ILE A 322 7.05 -20.52 -12.21
C ILE A 322 5.77 -21.03 -11.56
N GLU A 323 5.26 -20.30 -10.54
CA GLU A 323 4.04 -20.77 -9.89
C GLU A 323 2.86 -20.70 -10.84
N LYS A 324 2.78 -19.64 -11.65
CA LYS A 324 1.72 -19.54 -12.66
C LYS A 324 1.82 -20.68 -13.67
N MET A 325 3.00 -20.85 -14.27
CA MET A 325 3.18 -21.89 -15.29
C MET A 325 2.83 -23.27 -14.74
N LEU A 326 3.29 -23.59 -13.53
CA LEU A 326 2.95 -24.88 -12.93
C LEU A 326 1.45 -24.99 -12.69
N GLY A 327 0.80 -23.89 -12.30
CA GLY A 327 -0.62 -23.93 -12.04
C GLY A 327 -1.44 -24.35 -13.24
N GLU A 328 -1.08 -23.86 -14.43
CA GLU A 328 -1.85 -24.21 -15.63
C GLU A 328 -1.34 -25.48 -16.29
N ALA A 329 -0.05 -25.77 -16.20
CA ALA A 329 0.47 -27.02 -16.76
C ALA A 329 -0.15 -28.22 -16.07
N LEU A 330 -0.28 -28.18 -14.75
CA LEU A 330 -0.84 -29.28 -13.99
C LEU A 330 -2.36 -29.31 -14.03
N GLY A 331 -3.01 -28.26 -14.54
CA GLY A 331 -4.45 -28.19 -14.58
C GLY A 331 -5.12 -27.92 -13.25
N ASN A 332 -4.35 -27.75 -12.18
CA ASN A 332 -4.92 -27.53 -10.86
C ASN A 332 -3.90 -26.78 -9.99
N PRO A 333 -4.24 -25.58 -9.51
CA PRO A 333 -3.31 -24.83 -8.65
C PRO A 333 -2.90 -25.58 -7.39
N GLN A 334 -3.70 -26.54 -6.92
CA GLN A 334 -3.39 -27.19 -5.65
C GLN A 334 -2.32 -28.26 -5.77
N GLU A 335 -1.95 -28.65 -6.99
CA GLU A 335 -0.85 -29.57 -7.19
C GLU A 335 0.50 -28.86 -7.32
N VAL A 336 0.51 -27.51 -7.32
CA VAL A 336 1.77 -26.79 -7.42
C VAL A 336 2.67 -27.14 -6.24
N GLY A 337 2.18 -26.96 -5.01
CA GLY A 337 2.90 -27.33 -3.81
C GLY A 337 3.54 -28.71 -3.81
N PRO A 338 2.74 -29.78 -3.94
CA PRO A 338 3.35 -31.13 -3.90
C PRO A 338 4.38 -31.35 -4.99
N LEU A 339 4.14 -30.83 -6.20
CA LEU A 339 5.13 -30.95 -7.27
C LEU A 339 6.43 -30.25 -6.90
N LEU A 340 6.34 -29.00 -6.38
CA LEU A 340 7.54 -28.27 -5.99
C LEU A 340 8.30 -28.99 -4.87
N ASN A 341 7.60 -29.54 -3.87
CA ASN A 341 8.31 -30.30 -2.84
C ASN A 341 8.94 -31.57 -3.39
N THR A 342 8.23 -32.28 -4.26
CA THR A 342 8.81 -33.45 -4.90
C THR A 342 10.10 -33.07 -5.63
N MET A 343 10.14 -31.85 -6.17
CA MET A 343 11.27 -31.41 -6.98
C MET A 343 12.50 -31.12 -6.12
N ILE A 344 12.32 -30.63 -4.89
CA ILE A 344 13.47 -30.20 -4.10
C ILE A 344 13.83 -31.18 -2.99
N LYS A 345 12.88 -31.91 -2.43
CA LYS A 345 13.19 -32.75 -1.27
C LYS A 345 14.29 -33.77 -1.60
N GLY A 346 15.43 -33.63 -0.92
CA GLY A 346 16.55 -34.53 -1.10
C GLY A 346 17.34 -34.28 -2.35
N ARG A 347 17.00 -33.24 -3.11
CA ARG A 347 17.61 -32.87 -4.38
C ARG A 347 18.25 -31.50 -4.34
N TYR A 348 17.55 -30.49 -3.85
CA TYR A 348 18.10 -29.16 -3.74
C TYR A 348 18.14 -28.61 -2.31
N ASN A 349 17.63 -29.33 -1.31
CA ASN A 349 17.66 -28.84 0.07
C ASN A 349 18.54 -29.69 1.01
S SO4 B . -20.21 -2.93 16.18
O1 SO4 B . -20.38 -2.69 14.76
O2 SO4 B . -20.71 -4.27 16.51
O3 SO4 B . -18.81 -2.84 16.54
O4 SO4 B . -20.98 -1.93 16.93
S SO4 C . -8.10 3.30 17.68
O1 SO4 C . -8.16 2.41 16.52
O2 SO4 C . -9.32 3.16 18.47
O3 SO4 C . -6.94 2.95 18.49
O4 SO4 C . -7.97 4.68 17.23
S SO4 D . -2.04 -12.61 -11.37
O1 SO4 D . -2.64 -12.95 -12.66
O2 SO4 D . -2.00 -13.82 -10.54
O3 SO4 D . -0.68 -12.11 -11.57
O4 SO4 D . -2.85 -11.59 -10.70
S SO4 E . -7.12 25.58 -5.42
O1 SO4 E . -6.79 24.86 -6.64
O2 SO4 E . -6.14 26.63 -5.18
O3 SO4 E . -7.12 24.65 -4.28
O4 SO4 E . -8.45 26.17 -5.55
C10 A1L2L F . -5.95 -4.15 -3.66
N12 A1L2L F . -3.75 -2.95 -3.48
C15 A1L2L F . -3.04 -3.01 -7.06
C17 A1L2L F . -3.70 -3.91 -8.12
C21 A1L2L F . -2.16 1.28 1.19
C22 A1L2L F . -2.93 1.93 2.35
C02 A1L2L F . -2.41 -0.49 -0.58
C03 A1L2L F . -3.29 -1.45 -1.43
C04 A1L2L F . -4.63 -1.80 -0.93
C06 A1L2L F . -5.54 -2.74 -1.72
C07 A1L2L F . -6.81 -3.07 -1.22
C08 A1L2L F . -7.65 -3.93 -1.95
C09 A1L2L F . -7.23 -4.47 -3.17
C11 A1L2L F . -5.12 -3.29 -2.93
C14 A1L2L F . -3.87 -2.74 -5.79
C16 A1L2L F . -3.62 -2.39 -8.34
C18 A1L2L F . -2.85 -2.04 -2.72
N20 A1L2L F . -3.03 0.40 0.42
O01 A1L2L F . -1.23 -0.45 -0.69
O05 A1L2L F . -5.07 -1.27 0.28
O13 A1L2L F . -3.37 -3.53 -4.72
O19 A1L2L F . -1.79 -1.78 -3.17
O23 A1L2L F . -3.88 1.30 2.91
O24 A1L2L F . -2.62 3.07 2.76
ZN ZN G . -0.02 -1.66 -2.03
S SO4 H . -15.43 0.30 -9.73
O1 SO4 H . -15.30 -1.15 -9.76
O2 SO4 H . -16.69 0.70 -10.35
O3 SO4 H . -15.41 0.75 -8.34
O4 SO4 H . -14.31 0.90 -10.47
S SO4 I . 18.45 -5.55 -5.51
O1 SO4 I . 17.05 -5.18 -5.41
O2 SO4 I . 19.17 -4.51 -6.25
O3 SO4 I . 19.03 -5.66 -4.17
O4 SO4 I . 18.59 -6.81 -6.21
S SO4 J . 15.82 -13.46 -3.25
O1 SO4 J . 15.53 -14.40 -4.33
O2 SO4 J . 14.80 -13.57 -2.21
O3 SO4 J . 17.13 -13.77 -2.68
O4 SO4 J . 15.83 -12.10 -3.79
S SO4 K . -8.92 -3.61 17.29
O1 SO4 K . -8.51 -4.57 16.27
O2 SO4 K . -10.35 -3.76 17.54
O3 SO4 K . -8.16 -3.85 18.52
O4 SO4 K . -8.66 -2.25 16.83
#